data_9CPI
#
_entry.id   9CPI
#
_cell.length_a   1
_cell.length_b   1
_cell.length_c   1
_cell.angle_alpha   90
_cell.angle_beta   90
_cell.angle_gamma   90
#
loop_
_entity.id
_entity.type
_entity.pdbx_description
1 polymer "RNA (5'-R(*GP*AP*CP*AP*GP*CP*UP*GP*CP*UP*GP*UP*C)-3')"
2 non-polymer 4-[1-(2-aminoethyl)-4,5-dihydro-1H-imidazol-2-yl]-N-[4-(4,5-dihydro-1H-imidazol-2-yl)phenyl]benzamide
#
_entity_poly.entity_id   1
_entity_poly.type   'polyribonucleotide'
_entity_poly.pdbx_seq_one_letter_code
;GACAGCUGCUGUC
;
_entity_poly.pdbx_strand_id   A,B
#
loop_
_chem_comp.id
_chem_comp.type
_chem_comp.name
_chem_comp.formula
A RNA linking ADENOSINE-5'-MONOPHOSPHATE 'C10 H14 N5 O7 P'
A1AZL non-polymer 4-[1-(2-aminoethyl)-4,5-dihydro-1H-imidazol-2-yl]-N-[4-(4,5-dihydro-1H-imidazol-2-yl)phenyl]benzamide 'C21 H24 N6 O'
C RNA linking CYTIDINE-5'-MONOPHOSPHATE 'C9 H14 N3 O8 P'
G RNA linking GUANOSINE-5'-MONOPHOSPHATE 'C10 H14 N5 O8 P'
U RNA linking URIDINE-5'-MONOPHOSPHATE 'C9 H13 N2 O9 P'
#
# COMPACT_ATOMS: atom_id res chain seq x y z
C1 A1AZL C . 0.79 -6.15 1.99
N1 A1AZL C . 0.10 -8.15 0.69
O1 A1AZL C . -0.77 -1.35 2.19
C2 A1AZL C . 0.43 -5.38 3.11
N2 A1AZL C . -0.22 -8.22 2.93
C3 A1AZL C . 0.63 -4.00 3.11
N3 A1AZL C . 1.42 -1.96 2.00
C4 A1AZL C . 1.23 -3.37 2.03
N4 A1AZL C . 2.45 5.29 1.59
C5 A1AZL C . 1.65 -4.13 0.91
N5 A1AZL C . 2.15 4.67 -0.56
C6 A1AZL C . 1.42 -5.51 0.89
N6 A1AZL C . -0.87 4.45 -2.92
C7 A1AZL C . 0.39 -1.02 2.03
C8 A1AZL C . 1.42 3.09 1.18
C9 A1AZL C . 2.43 2.14 1.28
C10 A1AZL C . 2.13 0.80 1.57
C11 A1AZL C . 0.79 0.42 1.81
C12 A1AZL C . -0.21 1.41 1.79
C13 A1AZL C . 0.09 2.74 1.47
C14 A1AZL C . 0.47 -7.59 1.90
C15 A1AZL C . -0.90 -9.20 0.90
C16 A1AZL C . -1.14 -9.22 2.42
C17 A1AZL C . 1.73 4.48 0.74
C18 A1AZL C . 3.37 6.15 0.81
C19 A1AZL C . 2.99 5.86 -0.65
C20 A1AZL C . 1.37 4.24 -1.74
C21 A1AZL C . -0.02 4.91 -1.77
H2 A1AZL C . -0.01 -5.84 3.98
H24 A1AZL C . -0.57 -7.60 3.65
H4 A1AZL C . 0.30 -3.40 3.97
H26 A1AZL C . 2.37 -1.65 1.86
H3 A1AZL C . 2.12 -3.67 0.06
H1 A1AZL C . 1.72 -6.08 0.02
H21 A1AZL C . -1.72 4.99 -2.97
H22 A1AZL C . -1.10 3.44 -2.83
H8 A1AZL C . 3.46 2.41 1.09
H6 A1AZL C . 2.93 0.07 1.61
H5 A1AZL C . -1.24 1.14 1.98
H7 A1AZL C . -0.72 3.47 1.42
H12 A1AZL C . -0.50 -10.19 0.54
H11 A1AZL C . -1.83 -8.96 0.37
H10 A1AZL C . -0.94 -10.22 2.84
H9 A1AZL C . -2.15 -8.93 2.67
H14 A1AZL C . 3.24 7.20 1.03
H13 A1AZL C . 4.41 5.86 0.99
H15 A1AZL C . 3.89 5.67 -1.26
H16 A1AZL C . 2.41 6.69 -1.06
H17 A1AZL C . 1.28 3.14 -1.73
H18 A1AZL C . 1.92 4.52 -2.64
H20 A1AZL C . 0.08 5.98 -1.86
H19 A1AZL C . -0.55 4.66 -0.85
H23 A1AZL C . -0.36 4.59 -3.80
H25 A1AZL C . -0.11 -7.49 -0.06
H27 A1AZL C . 2.79 4.84 2.44
C1 A1AZL C . -1.31 -5.89 0.54
N1 A1AZL C . -1.63 -8.10 -0.55
O1 A1AZL C . -2.41 -0.68 1.11
C2 A1AZL C . -1.92 -5.01 1.45
N2 A1AZL C . -2.32 -7.93 1.62
C3 A1AZL C . -1.69 -3.64 1.39
N3 A1AZL C . -0.51 -1.71 0.32
C4 A1AZL C . -0.84 -3.10 0.42
N4 A1AZL C . 2.10 5.08 0.37
C5 A1AZL C . -0.17 -3.98 -0.45
N5 A1AZL C . 1.44 4.91 -1.81
C6 A1AZL C . -0.40 -5.37 -0.40
N6 A1AZL C . -0.23 6.03 -4.07
C7 A1AZL C . -1.27 -0.60 0.66
C8 A1AZL C . 0.54 3.28 -0.16
C9 A1AZL C . 1.26 2.09 -0.39
C10 A1AZL C . 0.70 0.84 -0.11
C11 A1AZL C . -0.61 0.74 0.42
C12 A1AZL C . -1.31 1.93 0.71
C13 A1AZL C . -0.74 3.18 0.43
C14 A1AZL C . -1.58 -7.35 0.61
C15 A1AZL C . -2.57 -9.23 -0.38
C16 A1AZL C . -2.98 -9.15 1.12
C17 A1AZL C . 1.12 4.60 -0.49
C18 A1AZL C . 3.16 5.74 -0.39
C19 A1AZL C . 2.74 5.58 -1.87
C20 A1AZL C . 1.04 4.10 -2.98
C21 A1AZL C . 0.87 4.99 -4.21
H2 A1AZL C . -2.64 -5.38 2.17
H24 A1AZL C . -2.89 -7.32 2.20
H4 A1AZL C . -2.18 -2.99 2.11
H26 A1AZL C . 0.41 -1.54 -0.09
H3 A1AZL C . 0.52 -3.58 -1.18
H1 A1AZL C . 0.12 -6.01 -1.10
H21 A1AZL C . -0.01 6.64 -3.27
H22 A1AZL C . -1.14 5.58 -3.88
H8 A1AZL C . 2.27 2.15 -0.79
H6 A1AZL C . 1.29 -0.03 -0.34
H5 A1AZL C . -2.29 1.90 1.14
H7 A1AZL C . -1.30 4.08 0.60
H12 A1AZL C . -2.11 -10.19 -0.62
H11 A1AZL C . -3.46 -9.10 -1.00
H10 A1AZL C . -2.62 -10.02 1.68
H9 A1AZL C . -4.07 -9.06 1.19
H14 A1AZL C . 3.22 6.81 -0.13
H13 A1AZL C . 4.11 5.25 -0.21
H15 A1AZL C . 3.47 4.95 -2.39
H16 A1AZL C . 2.66 6.57 -2.37
H17 A1AZL C . 0.11 3.57 -2.78
H18 A1AZL C . 1.80 3.32 -3.16
H20 A1AZL C . 0.58 4.38 -5.07
H19 A1AZL C . 1.80 5.51 -4.41
H23 A1AZL C . -0.31 6.60 -4.93
H25 A1AZL C . -1.68 -7.59 -1.40
H27 A1AZL C . 2.38 4.48 1.13
C1 A1AZL C . -0.93 -5.75 -1.35
N1 A1AZL C . -2.15 -7.63 -2.43
O1 A1AZL C . -2.64 -0.88 0.31
C2 A1AZL C . -2.07 -4.90 -1.34
N2 A1AZL C . 0.04 -8.01 -1.88
C3 A1AZL C . -1.96 -3.54 -1.00
N3 A1AZL C . -0.56 -1.65 -0.27
C4 A1AZL C . -0.72 -3.01 -0.60
N4 A1AZL C . 1.34 5.31 0.49
C5 A1AZL C . 0.40 -3.85 -0.62
N5 A1AZL C . 1.21 4.94 -1.72
C6 A1AZL C . 0.31 -5.20 -0.99
N6 A1AZL C . 1.25 2.82 -3.91
C7 A1AZL C . -1.48 -0.66 0.06
C8 A1AZL C . 0.03 3.39 -0.22
C9 A1AZL C . 0.93 2.30 -0.12
C10 A1AZL C . 0.44 1.00 -0.02
C11 A1AZL C . -0.94 0.74 0.05
C12 A1AZL C . -1.83 1.86 0.08
C13 A1AZL C . -1.35 3.16 -0.09
C14 A1AZL C . -1.07 -7.20 -1.68
C15 A1AZL C . -1.76 -8.81 -3.21
C16 A1AZL C . -0.25 -9.00 -2.90
C17 A1AZL C . 0.56 4.76 -0.50
C18 A1AZL C . 2.64 5.72 -0.02
C19 A1AZL C . 2.48 5.64 -1.56
C20 A1AZL C . 0.50 5.12 -3.00
C21 A1AZL C . 0.10 3.76 -3.61
H2 A1AZL C . -3.06 -5.32 -1.56
H24 A1AZL C . 0.96 -7.58 -1.84
H4 A1AZL C . -2.84 -2.94 -1.00
H26 A1AZL C . 0.42 -1.35 -0.32
H3 A1AZL C . 1.37 -3.45 -0.35
H1 A1AZL C . 1.22 -5.82 -0.97
H21 A1AZL C . 1.81 2.66 -3.05
H22 A1AZL C . 1.86 3.23 -4.66
H8 A1AZL C . 1.99 2.48 -0.18
H6 A1AZL C . 1.16 0.17 0.03
H5 A1AZL C . -2.90 1.72 0.17
H7 A1AZL C . -2.04 4.00 -0.14
H12 A1AZL C . -1.95 -8.65 -4.29
H11 A1AZL C . -2.32 -9.69 -2.87
H10 A1AZL C . 0.32 -8.84 -3.81
H9 A1AZL C . -0.08 -10.02 -2.54
H14 A1AZL C . 2.91 6.72 0.31
H13 A1AZL C . 3.38 5.00 0.33
H15 A1AZL C . 3.32 5.11 -2.02
H16 A1AZL C . 2.44 6.65 -1.96
H17 A1AZL C . 1.12 5.69 -3.72
H18 A1AZL C . -0.41 5.71 -2.85
H20 A1AZL C . -0.46 3.93 -4.51
H19 A1AZL C . -0.52 3.24 -2.88
H23 A1AZL C . 0.90 1.90 -4.24
H25 A1AZL C . -2.72 -6.92 -2.90
H27 A1AZL C . 1.36 4.82 1.39
C1 A1AZL C . -0.09 -6.15 0.98
N1 A1AZL C . -0.79 -8.16 -0.29
O1 A1AZL C . -0.08 -1.23 3.36
C2 A1AZL C . -0.17 -5.50 2.23
N2 A1AZL C . -0.67 -8.38 1.99
C3 A1AZL C . -0.05 -4.10 2.32
N3 A1AZL C . 0.14 -1.90 1.17
C4 A1AZL C . 0.15 -3.32 1.16
N4 A1AZL C . -0.44 5.40 0.90
C5 A1AZL C . 0.28 -3.97 -0.07
N5 A1AZL C . -1.02 4.67 -1.15
C6 A1AZL C . 0.15 -5.37 -0.18
N6 A1AZL C . -2.79 4.02 -4.51
C7 A1AZL C . -0.13 -0.97 2.18
C8 A1AZL C . -1.08 3.04 0.72
C9 A1AZL C . -1.11 1.93 -0.14
C10 A1AZL C . -0.83 0.64 0.33
C11 A1AZL C . -0.51 0.40 1.68
C12 A1AZL C . -0.53 1.49 2.54
C13 A1AZL C . -0.79 2.79 2.08
C14 A1AZL C . -0.32 -7.61 0.89
C15 A1AZL C . -1.57 -9.36 -0.01
C16 A1AZL C . -1.51 -9.49 1.54
C17 A1AZL C . -1.17 4.44 0.22
C18 A1AZL C . 0.38 6.24 0.00
C19 A1AZL C . -0.07 5.76 -1.40
C20 A1AZL C . -2.17 4.60 -2.10
C21 A1AZL C . -1.68 4.07 -3.45
H2 A1AZL C . -0.39 -6.07 3.11
H24 A1AZL C . -0.90 -7.89 2.85
H4 A1AZL C . -0.15 -3.63 3.31
H26 A1AZL C . 0.20 -1.51 0.25
H3 A1AZL C . 0.48 -3.39 -0.97
H1 A1AZL C . 0.26 -5.85 -1.16
H21 A1AZL C . -2.42 3.72 -5.42
H22 A1AZL C . -3.23 4.95 -4.64
H8 A1AZL C . -1.29 2.03 -1.22
H6 A1AZL C . -0.79 -0.16 -0.38
H5 A1AZL C . -0.31 1.35 3.59
H7 A1AZL C . -0.75 3.62 2.79
H12 A1AZL C . -1.10 -10.24 -0.50
H11 A1AZL C . -2.60 -9.25 -0.33
H10 A1AZL C . -1.07 -10.46 1.83
H9 A1AZL C . -2.54 -9.39 1.94
H14 A1AZL C . 0.13 7.30 0.14
H13 A1AZL C . 1.45 6.06 0.16
H15 A1AZL C . 0.79 5.41 -1.98
H16 A1AZL C . -0.55 6.60 -1.94
H17 A1AZL C . -2.62 5.59 -2.21
H18 A1AZL C . -2.93 3.93 -1.74
H20 A1AZL C . -1.25 3.06 -3.36
H19 A1AZL C . -0.91 4.75 -3.83
H23 A1AZL C . -3.53 3.37 -4.21
H25 A1AZL C . -1.16 -7.51 -1.00
H27 A1AZL C . -0.01 5.09 1.76
C1 A1AZL C . -0.68 -5.59 0.27
N1 A1AZL C . -1.23 -7.58 -1.03
O1 A1AZL C . -2.38 -0.66 1.32
C2 A1AZL C . -1.38 -4.87 1.25
N2 A1AZL C . -1.33 -7.76 1.23
C3 A1AZL C . -1.29 -3.45 1.31
N3 A1AZL C . -0.37 -1.34 0.39
C4 A1AZL C . -0.52 -2.76 0.36
N4 A1AZL C . 0.46 6.00 1.31
C5 A1AZL C . 0.17 -3.47 -0.63
N5 A1AZL C . 1.38 5.53 -0.72
C6 A1AZL C . 0.09 -4.87 -0.67
N6 A1AZL C . 2.04 5.20 -4.45
C7 A1AZL C . -1.29 -0.37 0.82
C8 A1AZL C . -0.04 3.76 0.37
C9 A1AZL C . 0.56 2.74 -0.39
C10 A1AZL C . 0.19 1.40 -0.22
C11 A1AZL C . -0.86 1.06 0.66
C12 A1AZL C . -1.48 2.07 1.40
C13 A1AZL C . -1.06 3.42 1.27
C14 A1AZL C . -0.79 -7.05 0.18
C15 A1AZL C . -2.18 -8.66 -0.80
C16 A1AZL C . -2.22 -8.81 0.75
C17 A1AZL C . 0.40 5.17 0.22
C18 A1AZL C . 1.49 7.03 1.12
C19 A1AZL C . 2.18 6.65 -0.21
C20 A1AZL C . 1.05 5.53 -2.15
C21 A1AZL C . 2.27 5.10 -2.97
H2 A1AZL C . -1.99 -5.37 1.99
H24 A1AZL C . -1.66 -7.23 2.03
H4 A1AZL C . -1.80 -2.89 2.09
H26 A1AZL C . 0.49 -1.01 0.01
H3 A1AZL C . 0.79 -2.95 -1.35
H1 A1AZL C . 0.64 -5.41 -1.44
H21 A1AZL C . 1.31 4.52 -4.72
H22 A1AZL C . 2.92 4.99 -4.97
H8 A1AZL C . 1.32 2.94 -1.13
H6 A1AZL C . 0.67 0.64 -0.79
H5 A1AZL C . -2.31 1.84 2.07
H7 A1AZL C . -1.54 4.19 1.85
H12 A1AZL C . -1.85 -9.60 -1.24
H11 A1AZL C . -3.18 -8.37 -1.18
H10 A1AZL C . -1.84 -9.80 1.07
H9 A1AZL C . -3.25 -8.68 1.12
H14 A1AZL C . 1.07 8.06 1.06
H13 A1AZL C . 2.20 7.01 1.94
H15 A1AZL C . 3.21 6.29 -0.04
H16 A1AZL C . 2.14 7.49 -0.90
H17 A1AZL C . 0.76 6.56 -2.44
H18 A1AZL C . 0.21 4.88 -2.35
H20 A1AZL C . 2.50 4.06 -2.74
H19 A1AZL C . 3.12 5.75 -2.75
H23 A1AZL C . 1.73 6.14 -4.70
H25 A1AZL C . -1.45 -6.91 -1.75
H27 A1AZL C . 0.47 5.58 2.24
C1 A1AZL C . -0.95 -4.64 1.09
N1 A1AZL C . -2.22 -6.42 -0.07
O1 A1AZL C . -1.31 0.40 2.36
C2 A1AZL C . -0.77 -3.97 2.33
N2 A1AZL C . -1.93 -6.63 2.18
C3 A1AZL C . -0.32 -2.65 2.37
N3 A1AZL C . 0.38 -0.59 1.23
C4 A1AZL C . -0.09 -1.92 1.19
N4 A1AZL C . 3.86 5.62 2.66
C5 A1AZL C . -0.24 -2.58 -0.05
N5 A1AZL C . 3.37 5.75 0.44
C6 A1AZL C . -0.67 -3.92 -0.09
N6 A1AZL C . 3.15 4.16 -2.22
C7 A1AZL C . -0.22 0.49 1.83
C8 A1AZL C . 2.11 4.15 1.80
C9 A1AZL C . 2.76 2.90 1.79
C10 A1AZL C . 2.02 1.71 1.83
C11 A1AZL C . 0.61 1.76 1.82
C12 A1AZL C . -0.03 3.00 1.88
C13 A1AZL C . 0.71 4.18 1.87
C14 A1AZL C . -1.48 -6.02 1.03
C15 A1AZL C . -3.27 -7.38 0.35
C16 A1AZL C . -3.10 -7.47 1.89
C17 A1AZL C . 2.88 5.40 1.70
C18 A1AZL C . 5.01 6.31 2.06
C19 A1AZL C . 4.64 6.46 0.56
C20 A1AZL C . 2.49 6.12 -0.69
C21 A1AZL C . 2.03 4.87 -1.47
H2 A1AZL C . -0.94 -4.50 3.27
H24 A1AZL C . -1.96 -6.07 3.02
H4 A1AZL C . -0.17 -2.17 3.34
H26 A1AZL C . 1.26 -0.44 0.75
H3 A1AZL C . -0.01 -2.08 -0.98
H1 A1AZL C . -0.81 -4.41 -1.06
H21 A1AZL C . 2.81 3.32 -2.70
H22 A1AZL C . 3.89 3.87 -1.56
H8 A1AZL C . 3.86 2.84 1.78
H6 A1AZL C . 2.56 0.77 1.85
H5 A1AZL C . -1.12 3.06 1.98
H7 A1AZL C . 0.17 5.11 1.92
H12 A1AZL C . -3.10 -8.37 -0.09
H11 A1AZL C . -4.28 -7.01 0.12
H10 A1AZL C . -2.93 -8.51 2.20
H9 A1AZL C . -3.97 -7.09 2.42
H14 A1AZL C . 5.15 7.30 2.51
H13 A1AZL C . 5.91 5.71 2.21
H15 A1AZL C . 5.40 5.98 -0.08
H16 A1AZL C . 4.55 7.51 0.29
H17 A1AZL C . 3.00 6.79 -1.39
H18 A1AZL C . 1.61 6.65 -0.30
H20 A1AZL C . 1.29 5.18 -2.20
H19 A1AZL C . 1.54 4.16 -0.80
H23 A1AZL C . 3.58 4.78 -2.94
H25 A1AZL C . -2.47 -5.73 -0.76
H27 A1AZL C . 4.05 4.91 3.34
C1 A1AZL C . -2.73 -4.25 0.79
N1 A1AZL C . -2.73 -6.66 0.22
O1 A1AZL C . 0.12 -0.67 -1.60
C2 A1AZL C . -2.69 -3.29 1.83
N2 A1AZL C . -3.29 -6.12 2.35
C3 A1AZL C . -2.27 -1.97 1.58
N3 A1AZL C . -1.36 -0.28 0.11
C4 A1AZL C . -1.91 -1.58 0.28
N4 A1AZL C . 2.96 5.50 1.02
C5 A1AZL C . -2.01 -2.51 -0.78
N5 A1AZL C . 2.70 5.90 -1.20
C6 A1AZL C . -2.37 -3.84 -0.53
N6 A1AZL C . 1.82 6.18 -4.91
C7 A1AZL C . -0.34 0.08 -0.74
C8 A1AZL C . 1.48 3.99 -0.24
C9 A1AZL C . 2.02 3.03 -1.13
C10 A1AZL C . 1.44 1.78 -1.25
C11 A1AZL C . 0.28 1.45 -0.53
C12 A1AZL C . -0.27 2.39 0.38
C13 A1AZL C . 0.36 3.65 0.52
C14 A1AZL C . -3.14 -5.65 1.06
C15 A1AZL C . -2.51 -7.89 0.97
C16 A1AZL C . -2.89 -7.52 2.43
C17 A1AZL C . 2.13 5.31 -0.07
C18 A1AZL C . 4.17 6.25 0.62
C19 A1AZL C . 3.87 6.70 -0.81
C20 A1AZL C . 1.90 6.36 -2.36
C21 A1AZL C . 2.46 5.69 -3.63
H2 A1AZL C . -2.94 -3.58 2.84
H24 A1AZL C . -3.05 -5.48 3.11
H4 A1AZL C . -2.18 -1.30 2.41
H26 A1AZL C . -1.64 0.38 0.80
H3 A1AZL C . -1.78 -2.23 -1.81
H1 A1AZL C . -2.39 -4.57 -1.34
H21 A1AZL C . 1.99 7.20 -4.97
H22 A1AZL C . 0.81 6.01 -4.91
H8 A1AZL C . 2.89 3.28 -1.74
H6 A1AZL C . 1.91 1.04 -1.90
H5 A1AZL C . -1.15 2.18 0.96
H7 A1AZL C . -0.08 4.36 1.23
H12 A1AZL C . -1.45 -8.21 0.94
H11 A1AZL C . -3.17 -8.67 0.60
H10 A1AZL C . -2.01 -7.59 3.07
H9 A1AZL C . -3.72 -8.13 2.79
H14 A1AZL C . 4.28 7.10 1.29
H13 A1AZL C . 5.05 5.61 0.65
H15 A1AZL C . 4.74 6.50 -1.45
H16 A1AZL C . 3.63 7.77 -0.82
H17 A1AZL C . 1.94 7.45 -2.45
H18 A1AZL C . 0.85 6.07 -2.25
H20 A1AZL C . 2.35 4.61 -3.59
H19 A1AZL C . 3.52 5.93 -3.72
H23 A1AZL C . 2.22 5.75 -5.75
H25 A1AZL C . -2.06 -6.41 -0.50
H27 A1AZL C . 3.13 4.66 1.57
C1 A1AZL C . -0.23 -5.00 1.78
N1 A1AZL C . -0.95 -6.88 3.23
O1 A1AZL C . -1.29 -0.18 0.86
C2 A1AZL C . 0.08 -4.17 2.89
N2 A1AZL C . -1.70 -6.84 1.08
C3 A1AZL C . 0.43 -2.83 2.69
N3 A1AZL C . 0.83 -0.93 1.19
C4 A1AZL C . 0.52 -2.29 1.40
N4 A1AZL C . 2.91 6.01 0.88
C5 A1AZL C . 0.33 -3.15 0.29
N5 A1AZL C . 1.84 5.98 -1.13
C6 A1AZL C . -0.07 -4.47 0.48
N6 A1AZL C . 1.37 3.31 -3.85
C7 A1AZL C . -0.09 0.07 0.95
C8 A1AZL C . 1.33 4.15 0.49
C9 A1AZL C . 2.25 3.12 0.69
C10 A1AZL C . 1.82 1.78 0.84
C11 A1AZL C . 0.44 1.49 0.79
C12 A1AZL C . -0.48 2.54 0.63
C13 A1AZL C . -0.05 3.85 0.45
C14 A1AZL C . -0.72 -6.38 1.95
C15 A1AZL C . -2.19 -7.66 3.25
C16 A1AZL C . -2.68 -7.66 1.79
C17 A1AZL C . 1.81 5.52 0.19
C18 A1AZL C . 3.80 6.76 -0.01
C19 A1AZL C . 3.06 6.80 -1.36
C20 A1AZL C . 1.25 5.32 -2.30
C21 A1AZL C . 2.05 4.10 -2.76
H2 A1AZL C . 0.02 -4.56 3.90
H24 A1AZL C . -2.04 -6.17 0.41
H4 A1AZL C . 0.65 -2.22 3.57
H26 A1AZL C . 1.80 -0.66 1.31
H3 A1AZL C . 0.44 -2.75 -0.70
H1 A1AZL C . -0.28 -5.07 -0.39
H21 A1AZL C . 1.94 2.54 -4.17
H22 A1AZL C . 1.17 3.93 -4.66
H8 A1AZL C . 3.32 3.32 0.70
H6 A1AZL C . 2.57 1.00 0.99
H5 A1AZL C . -1.54 2.34 0.58
H7 A1AZL C . -0.74 4.65 0.26
H12 A1AZL C . -2.89 -7.17 3.92
H11 A1AZL C . -2.04 -8.69 3.62
H10 A1AZL C . -3.69 -7.21 1.73
H9 A1AZL C . -2.69 -8.70 1.40
H14 A1AZL C . 3.98 7.77 0.39
H13 A1AZL C . 4.75 6.21 -0.09
H15 A1AZL C . 3.64 6.38 -2.18
H16 A1AZL C . 2.79 7.83 -1.58
H17 A1AZL C . 1.12 6.03 -3.12
H18 A1AZL C . 0.25 4.97 -1.99
H20 A1AZL C . 2.21 3.40 -1.94
H19 A1AZL C . 3.03 4.40 -3.13
H23 A1AZL C . 0.47 2.94 -3.53
H25 A1AZL C . -0.82 -6.25 4.00
H27 A1AZL C . 3.35 5.34 1.50
C1 A1AZL C . -2.10 -4.55 -2.20
N1 A1AZL C . -3.54 -6.31 -3.29
O1 A1AZL C . -3.25 0.38 -0.11
C2 A1AZL C . -3.14 -3.61 -2.09
N2 A1AZL C . -1.40 -6.91 -2.74
C3 A1AZL C . -2.92 -2.37 -1.47
N3 A1AZL C . -1.28 -0.74 -0.51
C4 A1AZL C . -1.64 -2.02 -0.99
N4 A1AZL C . 1.58 5.99 0.58
C5 A1AZL C . -0.61 -2.98 -1.09
N5 A1AZL C . 1.88 5.38 -1.57
C6 A1AZL C . -0.84 -4.24 -1.68
N6 A1AZL C . 1.80 3.96 -5.14
C7 A1AZL C . -2.03 0.38 -0.22
C8 A1AZL C . 0.25 4.10 -0.24
C9 A1AZL C . 0.90 2.86 -0.27
C10 A1AZL C . 0.17 1.66 -0.21
C11 A1AZL C . -1.23 1.66 -0.10
C12 A1AZL C . -1.88 2.91 0.05
C13 A1AZL C . -1.15 4.12 -0.01
C14 A1AZL C . -2.31 -5.88 -2.83
C15 A1AZL C . -3.52 -7.77 -3.46
C16 A1AZL C . -2.08 -8.17 -3.02
C17 A1AZL C . 1.01 5.34 -0.49
C18 A1AZL C . 2.91 6.51 0.24
C19 A1AZL C . 3.09 6.13 -1.25
C20 A1AZL C . 1.43 5.27 -2.97
C21 A1AZL C . 2.19 4.13 -3.69
H2 A1AZL C . -4.13 -3.83 -2.47
H24 A1AZL C . -0.72 -6.88 -1.99
H4 A1AZL C . -3.75 -1.66 -1.40
H26 A1AZL C . -0.29 -0.63 -0.46
H3 A1AZL C . 0.37 -2.74 -0.71
H1 A1AZL C . -0.04 -4.98 -1.70
H21 A1AZL C . 0.79 3.81 -5.19
H22 A1AZL C . 2.27 3.13 -5.54
H8 A1AZL C . 1.96 2.84 -0.41
H6 A1AZL C . 0.74 0.73 -0.27
H5 A1AZL C . -2.96 2.97 0.21
H7 A1AZL C . -1.68 5.07 0.04
H12 A1AZL C . -3.72 -8.02 -4.52
H11 A1AZL C . -4.26 -8.24 -2.80
H10 A1AZL C . -1.58 -8.73 -3.83
H9 A1AZL C . -2.15 -8.81 -2.13
H14 A1AZL C . 2.95 7.59 0.37
H13 A1AZL C . 3.70 6.02 0.84
H15 A1AZL C . 3.99 5.51 -1.38
H16 A1AZL C . 3.18 7.03 -1.88
H17 A1AZL C . 1.61 6.21 -3.50
H18 A1AZL C . 0.34 5.08 -3.03
H20 A1AZL C . 1.98 3.19 -3.20
H19 A1AZL C . 3.26 4.33 -3.66
H23 A1AZL C . 2.03 4.80 -5.69
H25 A1AZL C . -4.35 -5.91 -2.83
H27 A1AZL C . 1.43 5.57 1.48
C1 A1AZL C . -0.62 -5.35 0.66
N1 A1AZL C . -1.51 -7.19 -0.78
O1 A1AZL C . -0.34 -0.58 3.38
C2 A1AZL C . -0.59 -4.81 1.96
N2 A1AZL C . -1.27 -7.66 1.46
C3 A1AZL C . -0.39 -3.43 2.17
N3 A1AZL C . -0.17 -1.13 1.14
C4 A1AZL C . -0.24 -2.56 1.07
N4 A1AZL C . -0.75 6.09 1.06
C5 A1AZL C . -0.23 -3.11 -0.22
N5 A1AZL C . -1.70 5.42 -0.90
C6 A1AZL C . -0.40 -4.48 -0.43
N6 A1AZL C . -4.61 4.46 0.05
C7 A1AZL C . -0.41 -0.25 2.20
C8 A1AZL C . -1.48 3.77 0.91
C9 A1AZL C . -1.46 2.69 -0.01
C10 A1AZL C . -1.14 1.39 0.41
C11 A1AZL C . -0.78 1.14 1.76
C12 A1AZL C . -0.82 2.20 2.68
C13 A1AZL C . -1.18 3.50 2.26
C14 A1AZL C . -0.95 -6.79 0.43
C15 A1AZL C . -2.28 -8.43 -0.58
C16 A1AZL C . -2.19 -8.68 0.95
C17 A1AZL C . -1.62 5.19 0.47
C18 A1AZL C . -0.05 6.89 0.04
C19 A1AZL C . -0.66 6.36 -1.30
C20 A1AZL C . -2.99 5.63 -1.57
C21 A1AZL C . -4.00 4.49 -1.32
H2 A1AZL C . -0.75 -5.43 2.82
H24 A1AZL C . -1.43 -7.25 2.36
H4 A1AZL C . -0.40 -3.06 3.16
H26 A1AZL C . -0.07 -0.67 0.24
H3 A1AZL C . -0.09 -2.45 -1.08
H1 A1AZL C . -0.41 -4.87 -1.45
H21 A1AZL C . -5.06 5.37 0.26
H22 A1AZL C . -3.91 4.27 0.79
H8 A1AZL C . -1.64 2.84 -1.07
H6 A1AZL C . -1.07 0.62 -0.35
H5 A1AZL C . -0.53 2.05 3.70
H7 A1AZL C . -1.15 4.29 3.00
H12 A1AZL C . -1.82 -9.24 -1.13
H11 A1AZL C . -3.33 -8.28 -0.88
H10 A1AZL C . -1.80 -9.71 1.12
H9 A1AZL C . -3.18 -8.56 1.42
H14 A1AZL C . -0.32 7.94 0.18
H13 A1AZL C . 1.06 6.78 0.12
H15 A1AZL C . 0.09 5.86 -1.89
H16 A1AZL C . -1.10 7.21 -1.89
H17 A1AZL C . -2.80 5.65 -2.66
H18 A1AZL C . -3.44 6.59 -1.25
H20 A1AZL C . -3.51 3.53 -1.50
H19 A1AZL C . -4.82 4.57 -2.04
H23 A1AZL C . -5.34 3.74 0.13
H25 A1AZL C . -1.90 -6.45 -1.37
H27 A1AZL C . -0.19 5.73 1.82
C1 A1AZL C . -0.14 -5.50 1.94
N1 A1AZL C . -0.65 -7.58 3.22
O1 A1AZL C . -0.28 -0.55 3.73
C2 A1AZL C . 0.23 -4.79 3.09
N2 A1AZL C . -1.44 -7.45 1.09
C3 A1AZL C . 0.43 -3.40 3.04
N3 A1AZL C . 0.51 -1.31 1.72
C4 A1AZL C . 0.29 -2.71 1.83
N4 A1AZL C . 1.46 6.05 1.63
C5 A1AZL C . 0.00 -3.43 0.65
N5 A1AZL C . 1.05 5.51 -0.56
C6 A1AZL C . -0.24 -4.82 0.71
N6 A1AZL C . 1.19 4.16 -3.32
C7 A1AZL C . 0.13 -0.30 2.61
C8 A1AZL C . 0.54 3.80 1.22
C9 A1AZL C . 0.45 2.76 0.29
C10 A1AZL C . 0.33 1.42 0.73
C11 A1AZL C . 0.25 1.11 2.10
C12 A1AZL C . 0.30 2.15 3.04
C13 A1AZL C . 0.41 3.49 2.60
C14 A1AZL C . -0.50 -6.94 1.99
C15 A1AZL C . -1.73 -8.56 3.19
C16 A1AZL C . -2.32 -8.43 1.75
C17 A1AZL C . 0.77 5.21 0.78
C18 A1AZL C . 2.35 6.93 0.86
C19 A1AZL C . 2.04 6.59 -0.60
C20 A1AZL C . -0.04 5.58 -1.56
C21 A1AZL C . 0.46 5.45 -3.02
H2 A1AZL C . 0.38 -5.29 4.04
H24 A1AZL C . -1.84 -6.79 0.44
H4 A1AZL C . 0.73 -2.91 3.96
H26 A1AZL C . 0.90 -1.01 0.85
H3 A1AZL C . -0.08 -2.93 -0.31
H1 A1AZL C . -0.49 -5.33 -0.20
H21 A1AZL C . 1.47 4.13 -4.30
H22 A1AZL C . 0.57 3.32 -3.13
H8 A1AZL C . 0.52 2.93 -0.78
H6 A1AZL C . 0.31 0.62 -0.01
H5 A1AZL C . 0.29 1.93 4.10
H7 A1AZL C . 0.48 4.28 3.34
H12 A1AZL C . -2.50 -8.33 3.95
H11 A1AZL C . -1.36 -9.56 3.35
H10 A1AZL C . -3.38 -8.11 1.79
H9 A1AZL C . -2.26 -9.39 1.23
H14 A1AZL C . 2.10 7.98 1.09
H13 A1AZL C . 3.40 6.71 1.13
H15 A1AZL C . 2.93 6.25 -1.13
H16 A1AZL C . 1.63 7.47 -1.13
H17 A1AZL C . -0.57 6.51 -1.46
H18 A1AZL C . -0.78 4.78 -1.35
H20 A1AZL C . 1.14 6.28 -3.23
H19 A1AZL C . -0.40 5.47 -3.69
H23 A1AZL C . 2.02 4.06 -2.73
H25 A1AZL C . -0.58 -6.99 4.02
H27 A1AZL C . 1.80 5.66 2.51
C1 A1AZL C . -0.26 -6.26 1.08
N1 A1AZL C . -1.22 -8.18 -0.16
O1 A1AZL C . -1.62 -1.39 2.03
C2 A1AZL C . -0.40 -5.59 2.30
N2 A1AZL C . -0.85 -8.49 2.06
C3 A1AZL C . -0.18 -4.21 2.39
N3 A1AZL C . 0.44 -2.06 1.32
C4 A1AZL C . 0.22 -3.48 1.26
N4 A1AZL C . 2.42 4.88 2.26
C5 A1AZL C . 0.42 -4.15 0.05
N5 A1AZL C . 1.57 4.91 0.16
C6 A1AZL C . 0.17 -5.53 -0.04
N6 A1AZL C . 1.48 3.96 -2.76
C7 A1AZL C . -0.46 -1.10 1.74
C8 A1AZL C . 0.95 3.01 1.60
C9 A1AZL C . 1.86 1.97 1.73
C10 A1AZL C . 1.42 0.64 1.77
C11 A1AZL C . 0.04 0.33 1.74
C12 A1AZL C . -0.89 1.40 1.69
C13 A1AZL C . -0.44 2.73 1.61
C14 A1AZL C . -0.54 -7.72 0.96
C15 A1AZL C . -2.15 -9.23 0.22
C16 A1AZL C . -1.85 -9.51 1.71
C17 A1AZL C . 1.39 4.42 1.46
C18 A1AZL C . 3.38 5.71 1.51
C19 A1AZL C . 2.71 5.83 0.11
C20 A1AZL C . 0.45 5.17 -0.76
C21 A1AZL C . 0.31 4.01 -1.77
H2 A1AZL C . -0.74 -6.12 3.19
H24 A1AZL C . -0.93 -8.00 2.95
H4 A1AZL C . -0.34 -3.74 3.36
H26 A1AZL C . 1.35 -1.72 1.02
H3 A1AZL C . 0.76 -3.61 -0.84
H1 A1AZL C . 0.32 -6.02 -1.00
H21 A1AZL C . 2.36 3.82 -2.26
H22 A1AZL C . 1.52 4.83 -3.31
H8 A1AZL C . 2.92 2.17 1.77
H6 A1AZL C . 2.14 -0.16 1.86
H5 A1AZL C . -1.95 1.22 1.67
H7 A1AZL C . -1.16 3.52 1.52
H12 A1AZL C . -1.99 -10.12 -0.40
H11 A1AZL C . -3.20 -8.88 0.05
H10 A1AZL C . -1.42 -10.50 1.84
H9 A1AZL C . -2.75 -9.40 2.33
H14 A1AZL C . 3.48 6.71 1.96
H13 A1AZL C . 4.35 5.19 1.44
H15 A1AZL C . 3.42 5.55 -0.68
H16 A1AZL C . 2.39 6.86 -0.04
H17 A1AZL C . 0.59 6.11 -1.29
H18 A1AZL C . -0.51 5.28 -0.20
H20 A1AZL C . -0.60 4.14 -2.35
H19 A1AZL C . 0.28 3.04 -1.27
H23 A1AZL C . 1.33 3.18 -3.41
H25 A1AZL C . -1.52 -7.49 -0.86
H27 A1AZL C . 2.80 4.23 2.95
C1 A1AZL C . -0.83 -3.99 -0.47
N1 A1AZL C . -2.21 -5.86 -1.46
O1 A1AZL C . -2.05 1.06 0.89
C2 A1AZL C . -1.86 -3.03 -0.58
N2 A1AZL C . -0.18 -6.42 -0.53
C3 A1AZL C . -1.62 -1.67 -0.24
N3 A1AZL C . -0.02 0.11 0.38
C4 A1AZL C . -0.33 -1.25 0.13
N4 A1AZL C . 2.34 6.94 1.06
C5 A1AZL C . 0.69 -2.22 0.23
N5 A1AZL C . 1.87 6.88 -1.14
C6 A1AZL C . 0.43 -3.58 -0.04
N6 A1AZL C . -0.53 6.07 -4.02
C7 A1AZL C . -0.86 1.20 0.65
C8 A1AZL C . 0.84 5.17 0.33
C9 A1AZL C . 1.68 4.03 0.32
C10 A1AZL C . 1.15 2.75 0.45
C11 A1AZL C . -0.25 2.56 0.58
C12 A1AZL C . -1.07 3.71 0.68
C13 A1AZL C . -0.54 4.99 0.52
C14 A1AZL C . -1.12 -5.42 -0.71
C15 A1AZL C . -2.02 -7.24 -1.86
C16 A1AZL C . -0.64 -7.62 -1.23
C17 A1AZL C . 1.42 6.51 0.13
C18 A1AZL C . 3.54 7.50 0.44
C19 A1AZL C . 3.24 7.41 -1.07
C20 A1AZL C . 1.43 6.28 -2.40
C21 A1AZL C . 0.01 6.73 -2.78
H2 A1AZL C . -2.85 -3.30 -0.93
H24 A1AZL C . 0.79 -6.16 -0.61
H4 A1AZL C . -2.44 -0.99 -0.31
H26 A1AZL C . 0.96 0.34 0.34
H3 A1AZL C . 1.70 -1.91 0.49
H1 A1AZL C . 1.25 -4.30 0.06
H21 A1AZL C . -1.47 6.44 -4.24
H22 A1AZL C . -0.59 5.04 -3.90
H8 A1AZL C . 2.76 4.17 0.21
H6 A1AZL C . 1.82 1.89 0.46
H5 A1AZL C . -2.11 3.62 0.86
H7 A1AZL C . -1.20 5.84 0.54
H12 A1AZL C . -1.99 -7.36 -2.95
H11 A1AZL C . -2.82 -7.88 -1.44
H10 A1AZL C . 0.08 -7.91 -1.99
H9 A1AZL C . -0.77 -8.47 -0.51
H14 A1AZL C . 3.71 8.52 0.74
H13 A1AZL C . 4.41 6.90 0.68
H15 A1AZL C . 3.95 6.73 -1.57
H16 A1AZL C . 3.31 8.41 -1.54
H17 A1AZL C . 1.46 5.17 -2.33
H18 A1AZL C . 2.13 6.55 -3.22
H20 A1AZL C . 0.00 7.81 -2.93
H19 A1AZL C . -0.69 6.51 -1.94
H23 A1AZL C . 0.09 6.23 -4.84
H25 A1AZL C . -2.57 -5.22 -2.14
H27 A1AZL C . 2.46 6.33 1.86
C1 A1AZL C . -0.30 -5.88 1.10
N1 A1AZL C . -1.56 -8.02 1.44
O1 A1AZL C . -1.90 -1.02 2.24
C2 A1AZL C . -0.98 -5.19 2.12
N2 A1AZL C . 0.06 -7.99 -0.21
C3 A1AZL C . -0.81 -3.80 2.30
N3 A1AZL C . 0.17 -1.67 1.49
C4 A1AZL C . 0.01 -3.09 1.42
N4 A1AZL C . 1.46 5.51 1.22
C5 A1AZL C . 0.72 -3.77 0.40
N5 A1AZL C . 0.53 5.12 -0.81
C6 A1AZL C . 0.55 -5.14 0.26
N6 A1AZL C . -1.98 3.28 -3.05
C7 A1AZL C . -0.78 -0.72 1.85
C8 A1AZL C . 0.19 3.42 0.95
C9 A1AZL C . 1.22 2.45 0.99
C10 A1AZL C . 0.92 1.12 1.31
C11 A1AZL C . -0.39 0.72 1.59
C12 A1AZL C . -1.41 1.71 1.62
C13 A1AZL C . -1.11 3.05 1.29
C14 A1AZL C . -0.49 -7.34 0.89
C15 A1AZL C . -1.82 -9.22 0.64
C16 A1AZL C . -0.73 -9.21 -0.45
C17 A1AZL C . 0.48 4.80 0.53
C18 A1AZL C . 2.32 6.22 0.31
C19 A1AZL C . 1.66 6.02 -1.08
C20 A1AZL C . 0.07 4.23 -1.88
C21 A1AZL C . -1.47 4.18 -1.94
H2 A1AZL C . -1.58 -5.75 2.82
H24 A1AZL C . 0.30 -7.42 -0.99
H4 A1AZL C . -1.32 -3.32 3.11
H26 A1AZL C . 1.02 -1.32 1.09
H3 A1AZL C . 1.39 -3.24 -0.26
H1 A1AZL C . 1.07 -5.66 -0.54
H21 A1AZL C . -3.04 3.30 -3.06
H22 A1AZL C . -1.67 2.33 -2.88
H8 A1AZL C . 2.24 2.75 0.75
H6 A1AZL C . 1.73 0.38 1.33
H5 A1AZL C . -2.41 1.45 1.91
H7 A1AZL C . -1.92 3.79 1.30
H12 A1AZL C . -2.83 -9.17 0.23
H11 A1AZL C . -1.75 -10.10 1.30
H10 A1AZL C . -1.20 -9.20 -1.46
H9 A1AZL C . -0.12 -10.12 -0.35
H14 A1AZL C . 2.40 7.30 0.58
H13 A1AZL C . 3.35 5.79 0.32
H15 A1AZL C . 2.35 5.55 -1.80
H16 A1AZL C . 1.30 6.97 -1.49
H17 A1AZL C . 0.48 3.24 -1.72
H18 A1AZL C . 0.44 4.59 -2.87
H20 A1AZL C . -1.87 5.18 -2.12
H19 A1AZL C . -1.89 3.83 -1.02
H23 A1AZL C . -1.65 3.58 -3.98
H25 A1AZL C . -2.35 -7.47 1.77
H27 A1AZL C . 1.90 5.02 1.98
C1 A1AZL C . 0.69 -5.56 1.04
N1 A1AZL C . 0.48 -7.55 -0.41
O1 A1AZL C . -1.23 -0.69 1.48
C2 A1AZL C . -0.17 -4.86 1.91
N2 A1AZL C . -0.17 -7.79 1.74
C3 A1AZL C . -0.09 -3.46 2.01
N3 A1AZL C . 0.94 -1.32 1.24
C4 A1AZL C . 0.81 -2.74 1.20
N4 A1AZL C . 1.45 6.12 1.39
C5 A1AZL C . 1.70 -3.45 0.35
N5 A1AZL C . 2.48 5.42 -0.53
C6 A1AZL C . 1.64 -4.86 0.27
N6 A1AZL C . 0.79 5.49 -3.98
C7 A1AZL C . -0.07 -0.38 1.32
C8 A1AZL C . 1.10 3.75 0.71
C9 A1AZL C . 2.05 2.72 0.59
C10 A1AZL C . 1.70 1.39 0.82
C11 A1AZL C . 0.36 1.06 1.18
C12 A1AZL C . -0.55 2.10 1.37
C13 A1AZL C . -0.20 3.43 1.13
C14 A1AZL C . 0.59 -7.03 0.87
C15 A1AZL C . -0.52 -8.62 -0.42
C16 A1AZL C . -1.03 -8.73 1.03
C17 A1AZL C . 1.49 5.15 0.41
C18 A1AZL C . 2.34 7.22 1.02
C19 A1AZL C . 3.14 6.68 -0.19
C20 A1AZL C . 2.29 5.12 -1.96
C21 A1AZL C . 1.06 5.82 -2.54
H2 A1AZL C . -0.90 -5.41 2.52
H24 A1AZL C . -0.57 -7.31 2.55
H4 A1AZL C . -0.72 -2.95 2.74
H26 A1AZL C . 1.88 -0.99 1.06
H3 A1AZL C . 2.41 -2.89 -0.25
H1 A1AZL C . 2.32 -5.39 -0.37
H21 A1AZL C . -0.04 6.00 -4.33
H22 A1AZL C . 0.59 4.50 -4.12
H8 A1AZL C . 3.06 2.95 0.34
H6 A1AZL C . 2.46 0.63 0.65
H5 A1AZL C . -1.56 1.93 1.72
H7 A1AZL C . -0.95 4.21 1.28
H12 A1AZL C . -0.06 -9.57 -0.76
H11 A1AZL C . -1.34 -8.37 -1.11
H10 A1AZL C . -0.97 -9.75 1.41
H9 A1AZL C . -2.08 -8.38 1.09
H14 A1AZL C . 1.74 8.10 0.73
H13 A1AZL C . 3.00 7.50 1.86
H15 A1AZL C . 4.17 6.49 0.11
H16 A1AZL C . 3.11 7.38 -1.02
H17 A1AZL C . 2.14 4.04 -2.07
H18 A1AZL C . 3.19 5.40 -2.53
H20 A1AZL C . 1.17 6.92 -2.46
H19 A1AZL C . 0.16 5.53 -2.03
H23 A1AZL C . 1.59 5.76 -4.59
H25 A1AZL C . 0.45 -6.88 -1.17
H27 A1AZL C . 0.59 6.31 1.86
C1 A1AZL C . -0.18 -5.23 1.45
N1 A1AZL C . -0.72 -7.25 2.84
O1 A1AZL C . -1.08 -1.07 -1.37
C2 A1AZL C . -0.68 -4.34 2.43
N2 A1AZL C . -0.50 -7.52 0.59
C3 A1AZL C . -0.67 -2.96 2.21
N3 A1AZL C . -0.34 -1.04 0.78
C4 A1AZL C . -0.21 -2.45 1.00
N4 A1AZL C . -1.15 6.03 0.82
C5 A1AZL C . 0.32 -3.32 0.02
N5 A1AZL C . -1.86 6.07 -1.32
C6 A1AZL C . 0.33 -4.69 0.26
N6 A1AZL C . -5.58 6.79 -1.97
C7 A1AZL C . -0.86 -0.44 -0.36
C8 A1AZL C . -1.60 3.86 -0.23
C9 A1AZL C . -1.58 3.14 -1.44
C10 A1AZL C . -1.34 1.77 -1.49
C11 A1AZL C . -1.12 1.04 -0.28
C12 A1AZL C . -1.14 1.75 0.95
C13 A1AZL C . -1.38 3.13 0.97
C14 A1AZL C . -0.20 -6.70 1.67
C15 A1AZL C . -1.47 -8.47 2.55
C16 A1AZL C . -1.32 -8.65 1.01
C17 A1AZL C . -1.81 5.32 -0.15
C18 A1AZL C . -0.53 7.25 0.26
C19 A1AZL C . -1.10 7.32 -1.17
C20 A1AZL C . -3.10 6.17 -2.10
C21 A1AZL C . -4.28 6.62 -1.21
H2 A1AZL C . -1.09 -4.71 3.38
H24 A1AZL C . -0.78 -7.05 -0.24
H4 A1AZL C . -0.99 -2.31 3.00
H26 A1AZL C . -0.20 -0.47 1.59
H3 A1AZL C . 0.74 -2.95 -0.90
H1 A1AZL C . 0.70 -5.35 -0.52
H21 A1AZL C . -5.46 7.49 -2.72
H22 A1AZL C . -6.34 7.10 -1.34
H8 A1AZL C . -1.72 3.66 -2.39
H6 A1AZL C . -1.35 1.27 -2.47
H5 A1AZL C . -0.97 1.25 1.89
H7 A1AZL C . -1.36 3.63 1.92
H12 A1AZL C . -2.53 -8.34 2.85
H11 A1AZL C . -1.05 -9.33 3.08
H10 A1AZL C . -2.30 -8.60 0.54
H9 A1AZL C . -0.82 -9.59 0.76
H14 A1AZL C . -0.83 8.12 0.84
H13 A1AZL C . 0.58 7.13 0.23
H15 A1AZL C . -0.27 7.40 -1.89
H16 A1AZL C . -1.77 8.18 -1.28
H17 A1AZL C . -3.34 5.18 -2.52
H18 A1AZL C . -2.96 6.86 -2.95
H20 A1AZL C . -4.08 7.60 -0.77
H19 A1AZL C . -4.44 5.89 -0.42
H23 A1AZL C . -5.81 5.87 -2.39
H25 A1AZL C . -1.10 -6.60 3.51
H27 A1AZL C . -0.60 5.52 1.50
C1 A1AZL C . -2.02 -5.28 0.89
N1 A1AZL C . -1.99 -7.73 0.27
O1 A1AZL C . -1.02 -1.04 -2.04
C2 A1AZL C . -2.64 -4.29 1.66
N2 A1AZL C . -3.33 -7.13 2.01
C3 A1AZL C . -2.43 -2.94 1.38
N3 A1AZL C . -1.24 -1.18 0.20
C4 A1AZL C . -1.54 -2.55 0.36
N4 A1AZL C . 2.73 4.75 0.63
C5 A1AZL C . -0.86 -3.54 -0.37
N5 A1AZL C . 2.07 5.37 -1.46
C6 A1AZL C . -1.08 -4.90 -0.10
N6 A1AZL C . -1.08 5.80 -1.12
C7 A1AZL C . -0.88 -0.53 -0.95
C8 A1AZL C . 1.09 3.30 -0.48
C9 A1AZL C . 1.34 2.50 -1.59
C10 A1AZL C . 0.66 1.28 -1.75
C11 A1AZL C . -0.27 0.84 -0.79
C12 A1AZL C . -0.53 1.67 0.34
C13 A1AZL C . 0.15 2.88 0.48
C14 A1AZL C . -2.28 -6.73 1.17
C15 A1AZL C . -2.90 -8.85 0.45
C16 A1AZL C . -3.78 -8.47 1.64
C17 A1AZL C . 1.77 4.59 -0.35
C18 A1AZL C . 3.64 5.82 0.25
C19 A1AZL C . 3.18 6.25 -1.18
C20 A1AZL C . 1.10 5.78 -2.51
C21 A1AZL C . -0.09 6.60 -1.95
H2 A1AZL C . -3.32 -4.53 2.45
H24 A1AZL C . -4.05 -6.46 2.19
H4 A1AZL C . -2.87 -2.17 2.00
H26 A1AZL C . -1.12 -0.70 1.10
H3 A1AZL C . -0.10 -3.28 -1.09
H1 A1AZL C . -0.49 -5.62 -0.65
H21 A1AZL C . -0.60 5.35 -0.31
H22 A1AZL C . -1.50 5.06 -1.72
H8 A1AZL C . 2.04 2.84 -2.35
H6 A1AZL C . 0.94 0.65 -2.59
H5 A1AZL C . -1.24 1.36 1.10
H7 A1AZL C . -0.03 3.52 1.35
H12 A1AZL C . -2.33 -9.76 0.65
H11 A1AZL C . -3.48 -9.00 -0.46
H10 A1AZL C . -3.62 -9.14 2.47
H9 A1AZL C . -4.83 -8.43 1.37
H14 A1AZL C . 3.53 6.69 0.92
H13 A1AZL C . 4.67 5.46 0.24
H15 A1AZL C . 3.99 6.12 -1.90
H16 A1AZL C . 2.87 7.31 -1.16
H17 A1AZL C . 0.71 4.91 -3.04
H18 A1AZL C . 1.63 6.37 -3.29
H20 A1AZL C . -0.65 7.05 -2.76
H19 A1AZL C . 0.32 7.40 -1.33
H23 A1AZL C . -1.86 6.43 -0.81
H25 A1AZL C . -1.73 -7.43 -0.67
H27 A1AZL C . 2.46 4.65 1.61
C1 A1AZL C . -0.91 -6.03 0.93
N1 A1AZL C . -1.98 -7.95 -0.27
O1 A1AZL C . -1.78 -0.94 2.03
C2 A1AZL C . -0.91 -5.38 2.19
N2 A1AZL C . -1.46 -8.22 1.95
C3 A1AZL C . -0.62 -4.00 2.29
N3 A1AZL C . 0.14 -1.92 1.25
C4 A1AZL C . -0.30 -3.27 1.14
N4 A1AZL C . 3.01 4.66 2.65
C5 A1AZL C . -0.27 -3.91 -0.11
N5 A1AZL C . 3.08 4.39 0.40
C6 A1AZL C . -0.60 -5.27 -0.22
N6 A1AZL C . 0.62 5.74 -2.27
C7 A1AZL C . -0.60 -0.86 1.73
C8 A1AZL C . 1.59 2.92 1.71
C9 A1AZL C . 2.26 1.70 1.80
C10 A1AZL C . 1.58 0.48 1.86
C11 A1AZL C . 0.15 0.46 1.81
C12 A1AZL C . -0.53 1.69 1.80
C13 A1AZL C . 0.17 2.90 1.74
C14 A1AZL C . -1.25 -7.46 0.80
C15 A1AZL C . -2.87 -9.02 0.21
C16 A1AZL C . -2.49 -9.24 1.69
C17 A1AZL C . 2.32 4.20 1.55
C18 A1AZL C . 4.27 5.25 2.23
C19 A1AZL C . 4.22 5.24 0.68
C20 A1AZL C . 2.47 4.53 -0.94
C21 A1AZL C . 1.34 5.58 -0.96
H2 A1AZL C . -1.13 -5.94 3.10
H24 A1AZL C . -1.51 -7.72 2.82
H4 A1AZL C . -0.61 -3.52 3.27
H26 A1AZL C . 1.09 -1.76 0.96
H3 A1AZL C . -0.01 -3.36 -1.01
H1 A1AZL C . -0.62 -5.73 -1.20
H21 A1AZL C . 0.12 4.88 -2.51
H22 A1AZL C . 1.29 5.94 -3.04
H8 A1AZL C . 3.34 1.66 1.74
H6 A1AZL C . 2.16 -0.44 1.95
H5 A1AZL C . -1.63 1.70 1.83
H7 A1AZL C . -0.37 3.85 1.71
H12 A1AZL C . -2.73 -9.94 -0.39
H11 A1AZL C . -3.93 -8.73 0.15
H10 A1AZL C . -2.09 -10.24 1.88
H9 A1AZL C . -3.36 -9.06 2.33
H14 A1AZL C . 4.39 6.28 2.59
H13 A1AZL C . 5.10 4.62 2.58
H15 A1AZL C . 5.15 4.84 0.25
H16 A1AZL C . 4.04 6.27 0.31
H17 A1AZL C . 2.09 3.58 -1.30
H18 A1AZL C . 3.25 4.85 -1.66
H20 A1AZL C . 1.71 6.57 -0.69
H19 A1AZL C . 0.57 5.29 -0.25
H23 A1AZL C . -0.04 6.53 -2.21
H25 A1AZL C . -2.38 -7.26 -0.91
H27 A1AZL C . 3.03 4.08 3.48
C1 A1AZL C . -0.55 -6.61 0.54
N1 A1AZL C . -1.12 -8.76 1.72
O1 A1AZL C . -2.42 -1.61 1.07
C2 A1AZL C . -1.16 -5.82 1.53
N2 A1AZL C . -0.60 -8.86 -0.50
C3 A1AZL C . -1.15 -4.42 1.44
N3 A1AZL C . -0.42 -2.38 0.27
C4 A1AZL C . -0.54 -3.79 0.34
N4 A1AZL C . 1.32 4.70 0.95
C5 A1AZL C . 0.08 -4.58 -0.65
N5 A1AZL C . 0.98 4.51 -1.29
C6 A1AZL C . 0.08 -5.96 -0.53
N6 A1AZL C . -0.45 3.38 -4.65
C7 A1AZL C . -1.31 -1.37 0.65
C8 A1AZL C . 0.08 2.72 0.18
C9 A1AZL C . 0.85 1.65 -0.31
C10 A1AZL C . 0.43 0.32 -0.12
C11 A1AZL C . -0.79 0.04 0.51
C12 A1AZL C . -1.55 1.13 1.02
C13 A1AZL C . -1.11 2.45 0.84
C14 A1AZL C . -0.52 -8.10 0.66
C15 A1AZL C . -1.67 -10.05 1.27
C16 A1AZL C . -1.42 -10.04 -0.27
C17 A1AZL C . 0.55 4.11 -0.04
C18 A1AZL C . 2.31 5.59 0.32
C19 A1AZL C . 1.99 5.57 -1.18
C20 A1AZL C . 0.07 4.55 -2.45
C21 A1AZL C . 0.43 3.44 -3.43
H2 A1AZL C . -1.62 -6.27 2.42
H24 A1AZL C . -0.83 -8.33 -1.34
H4 A1AZL C . -1.58 -3.80 2.23
H26 A1AZL C . 0.48 -2.07 -0.11
H3 A1AZL C . 0.59 -4.12 -1.50
H1 A1AZL C . 0.58 -6.57 -1.29
H21 A1AZL C . -1.42 3.17 -4.41
H22 A1AZL C . -0.10 2.65 -5.28
H8 A1AZL C . 1.77 1.83 -0.83
H6 A1AZL C . 1.10 -0.46 -0.51
H5 A1AZL C . -2.48 0.93 1.55
H7 A1AZL C . -1.73 3.26 1.22
H12 A1AZL C . -2.74 -10.10 1.48
H11 A1AZL C . -1.18 -10.90 1.75
H10 A1AZL C . -2.36 -9.94 -0.83
H9 A1AZL C . -0.92 -10.96 -0.60
H14 A1AZL C . 2.23 6.60 0.73
H13 A1AZL C . 3.35 5.20 0.50
H15 A1AZL C . 2.87 5.38 -1.81
H16 A1AZL C . 1.54 6.53 -1.48
H17 A1AZL C . 0.11 5.52 -2.96
H18 A1AZL C . -0.97 4.37 -2.11
H20 A1AZL C . 0.35 2.47 -2.97
H19 A1AZL C . 1.45 3.59 -3.80
H23 A1AZL C . -0.44 4.27 -5.15
H25 A1AZL C . -1.64 -8.18 2.37
H27 A1AZL C . 1.63 4.11 1.72
C1 A1AZL C . 0.15 -5.17 1.51
N1 A1AZL C . -0.66 -7.24 0.43
O1 A1AZL C . -1.40 -0.28 2.13
C2 A1AZL C . 0.10 -4.40 2.69
N2 A1AZL C . -0.50 -7.25 2.72
C3 A1AZL C . 0.22 -2.99 2.61
N3 A1AZL C . 0.60 -0.94 1.30
C4 A1AZL C . 0.45 -2.37 1.37
N4 A1AZL C . 2.50 6.02 1.89
C5 A1AZL C . 0.60 -3.15 0.21
N5 A1AZL C . 1.36 6.04 -0.04
C6 A1AZL C . 0.41 -4.54 0.28
N6 A1AZL C . 0.63 3.69 -1.93
C7 A1AZL C . -0.30 0.01 1.71
C8 A1AZL C . 0.96 4.15 1.47
C9 A1AZL C . 1.81 3.12 1.02
C10 A1AZL C . 1.40 1.80 1.08
C11 A1AZL C . 0.14 1.45 1.62
C12 A1AZL C . -0.69 2.47 2.11
C13 A1AZL C . -0.28 3.82 2.01
C14 A1AZL C . -0.09 -6.64 1.54
C15 A1AZL C . -1.62 -8.25 0.88
C16 A1AZL C . -1.49 -8.28 2.42
C17 A1AZL C . 1.35 5.56 1.25
C18 A1AZL C . 3.26 6.91 1.04
C19 A1AZL C . 2.46 6.99 -0.26
C20 A1AZL C . 0.20 6.04 -0.95
C21 A1AZL C . 0.48 5.19 -2.20
H2 A1AZL C . -0.07 -4.84 3.66
H24 A1AZL C . -0.66 -6.65 3.52
H4 A1AZL C . 0.17 -2.38 3.51
H26 A1AZL C . 1.49 -0.63 0.92
H3 A1AZL C . 0.79 -2.69 -0.74
H1 A1AZL C . 0.46 -5.13 -0.64
H21 A1AZL C . -0.21 3.29 -1.49
H22 A1AZL C . 1.42 3.55 -1.31
H8 A1AZL C . 2.75 3.40 0.58
H6 A1AZL C . 2.08 1.04 0.70
H5 A1AZL C . -1.66 2.24 2.51
H7 A1AZL C . -0.96 4.63 2.31
H12 A1AZL C . -1.36 -9.23 0.46
H11 A1AZL C . -2.64 -7.94 0.59
H10 A1AZL C . -1.13 -9.26 2.77
H9 A1AZL C . -2.46 -8.07 2.88
H14 A1AZL C . 3.32 7.91 1.51
H13 A1AZL C . 4.27 6.51 0.89
H15 A1AZL C . 3.08 6.68 -1.09
H16 A1AZL C . 2.07 8.01 -0.42
H17 A1AZL C . -0.05 7.06 -1.25
H18 A1AZL C . -0.71 5.61 -0.45
H20 A1AZL C . 1.39 5.53 -2.67
H19 A1AZL C . -0.36 5.29 -2.88
H23 A1AZL C . 0.78 3.19 -2.81
H25 A1AZL C . -1.00 -6.62 -0.29
H27 A1AZL C . 3.01 5.38 2.49
#